data_6NOI
#
_entry.id   6NOI
#
_cell.length_a   128.838
_cell.length_b   36.938
_cell.length_c   91.815
_cell.angle_alpha   90.000
_cell.angle_beta   107.540
_cell.angle_gamma   90.000
#
_symmetry.space_group_name_H-M   'C 1 2 1'
#
loop_
_entity.id
_entity.type
_entity.pdbx_description
1 polymer Tsn15
2 non-polymer 'PHOSPHATE ION'
3 non-polymer 'TRIETHYLENE GLYCOL'
4 non-polymer DI(HYDROXYETHYL)ETHER
5 water water
#
_entity_poly.entity_id   1
_entity_poly.type   'polypeptide(L)'
_entity_poly.pdbx_seq_one_letter_code
;SH(MSE)TTSIDPTTPLTYNPVIDALVGSWRQIIDADYSADDTRLPDLAVLARSTARAVAAAVPRPLAEISAPDAPDERG
ELVLLEKVIQEVADREYTPLSPEGPSVGDLVLVTEKIYNSDREEIGADTGRLRIIRKDPETGHHFTVSLVTSTVQGNKLF
AFGYTE(MSE)EAQLAGGRTTIQVACWDGPWAG(MSE)SGTLSWVINS(MSE)TAAESRYELRR
;
_entity_poly.pdbx_strand_id   A,B
#
# COMPACT_ATOMS: atom_id res chain seq x y z
N SER A 1 4.17 34.80 2.39
CA SER A 1 5.60 35.09 2.37
C SER A 1 5.90 36.23 1.41
N HIS A 2 6.07 37.43 1.95
CA HIS A 2 6.10 38.65 1.14
C HIS A 2 4.82 38.80 0.33
N THR A 4 2.73 36.31 -0.74
CA THR A 4 2.54 35.27 -1.74
C THR A 4 1.79 34.09 -1.13
N THR A 5 1.34 33.18 -2.00
CA THR A 5 0.68 31.98 -1.53
C THR A 5 1.66 31.10 -0.76
N SER A 6 1.13 30.34 0.20
CA SER A 6 1.89 29.29 0.86
C SER A 6 1.74 27.95 0.15
N ILE A 7 0.99 27.90 -0.94
CA ILE A 7 0.61 26.63 -1.59
C ILE A 7 1.62 26.29 -2.67
N ASP A 8 2.55 25.41 -2.32
CA ASP A 8 3.37 24.68 -3.27
C ASP A 8 2.72 23.33 -3.49
N PRO A 9 2.32 22.98 -4.72
CA PRO A 9 1.59 21.71 -4.91
C PRO A 9 2.45 20.47 -4.90
N THR A 10 3.77 20.64 -4.93
CA THR A 10 4.65 19.49 -5.06
C THR A 10 4.62 18.66 -3.80
N THR A 11 4.53 17.37 -3.96
CA THR A 11 4.69 16.47 -2.82
C THR A 11 6.18 16.37 -2.47
N PRO A 12 6.57 16.61 -1.22
CA PRO A 12 7.98 16.52 -0.87
C PRO A 12 8.48 15.08 -0.99
N LEU A 13 9.68 14.94 -1.52
CA LEU A 13 10.29 13.62 -1.67
C LEU A 13 10.98 13.21 -0.38
N THR A 14 10.85 11.94 -0.01
CA THR A 14 11.56 11.44 1.15
C THR A 14 12.92 10.87 0.80
N TYR A 15 13.15 10.59 -0.48
CA TYR A 15 14.33 9.90 -1.00
C TYR A 15 14.44 8.47 -0.48
N ASN A 16 13.38 7.97 0.14
CA ASN A 16 13.16 6.53 0.31
C ASN A 16 12.35 6.12 -0.91
N PRO A 17 12.93 5.40 -1.87
CA PRO A 17 12.23 5.18 -3.15
C PRO A 17 10.97 4.35 -2.99
N VAL A 18 10.92 3.52 -1.95
CA VAL A 18 9.71 2.75 -1.66
C VAL A 18 8.59 3.69 -1.22
N ILE A 19 8.86 4.54 -0.23
CA ILE A 19 7.85 5.50 0.19
C ILE A 19 7.45 6.43 -0.96
N ASP A 20 8.42 6.92 -1.72
CA ASP A 20 8.08 7.88 -2.76
C ASP A 20 7.19 7.24 -3.82
N ALA A 21 7.38 5.95 -4.11
CA ALA A 21 6.50 5.28 -5.06
C ALA A 21 5.12 5.04 -4.46
N LEU A 22 5.04 4.70 -3.17
CA LEU A 22 3.75 4.49 -2.52
C LEU A 22 2.95 5.78 -2.50
N VAL A 23 3.58 6.89 -2.13
CA VAL A 23 2.87 8.17 -2.13
C VAL A 23 2.46 8.52 -3.54
N GLY A 24 3.35 8.23 -4.50
CA GLY A 24 3.02 8.46 -5.90
C GLY A 24 1.80 7.70 -6.38
N SER A 25 1.58 6.48 -5.88
CA SER A 25 0.40 5.75 -6.33
C SER A 25 -0.88 6.46 -5.91
N TRP A 26 -0.89 7.04 -4.70
CA TRP A 26 -2.06 7.77 -4.26
C TRP A 26 -2.17 9.12 -4.96
N ARG A 27 -1.04 9.76 -5.27
CA ARG A 27 -1.12 10.96 -6.11
C ARG A 27 -1.81 10.66 -7.43
N GLN A 28 -1.62 9.45 -7.97
CA GLN A 28 -2.33 9.09 -9.19
C GLN A 28 -3.83 8.99 -8.98
N ILE A 29 -4.26 8.58 -7.78
CA ILE A 29 -5.69 8.61 -7.42
C ILE A 29 -6.19 10.05 -7.43
N ILE A 30 -5.42 10.97 -6.82
CA ILE A 30 -5.87 12.37 -6.76
C ILE A 30 -6.03 12.93 -8.16
N ASP A 31 -5.12 12.58 -9.07
CA ASP A 31 -5.04 13.29 -10.35
C ASP A 31 -5.65 12.52 -11.51
N ALA A 32 -6.38 11.44 -11.25
CA ALA A 32 -7.08 10.75 -12.31
C ALA A 32 -8.20 11.64 -12.86
N ASP A 33 -8.65 11.31 -14.06
CA ASP A 33 -9.72 12.04 -14.73
C ASP A 33 -11.05 11.43 -14.30
N TYR A 34 -11.79 12.14 -13.46
CA TYR A 34 -13.06 11.65 -12.93
C TYR A 34 -14.24 12.33 -13.60
N SER A 35 -15.31 11.57 -13.81
CA SER A 35 -16.52 12.07 -14.43
C SER A 35 -17.71 11.69 -13.56
N ALA A 36 -18.70 12.58 -13.49
CA ALA A 36 -19.94 12.23 -12.82
C ALA A 36 -20.58 10.99 -13.43
N ASP A 37 -20.17 10.65 -14.65
CA ASP A 37 -20.66 9.50 -15.40
C ASP A 37 -19.99 8.19 -14.97
N ASP A 38 -18.98 8.23 -14.10
CA ASP A 38 -18.21 7.02 -13.82
C ASP A 38 -19.08 5.98 -13.12
N THR A 39 -18.97 4.73 -13.57
CA THR A 39 -19.70 3.63 -12.96
C THR A 39 -18.82 2.71 -12.13
N ARG A 40 -17.49 2.81 -12.26
CA ARG A 40 -16.56 1.97 -11.53
C ARG A 40 -15.48 2.86 -10.91
N LEU A 41 -15.07 2.52 -9.70
CA LEU A 41 -14.00 3.21 -8.99
C LEU A 41 -13.19 2.20 -8.18
N PRO A 42 -11.94 2.53 -7.85
CA PRO A 42 -11.22 1.70 -6.87
C PRO A 42 -11.94 1.68 -5.53
N ASP A 43 -11.57 0.73 -4.69
CA ASP A 43 -12.06 0.67 -3.31
C ASP A 43 -11.22 1.65 -2.49
N LEU A 44 -11.62 2.93 -2.55
CA LEU A 44 -10.74 4.01 -2.11
C LEU A 44 -10.46 3.98 -0.62
N ALA A 45 -11.46 3.68 0.21
CA ALA A 45 -11.23 3.65 1.65
C ALA A 45 -10.18 2.59 2.01
N VAL A 46 -10.28 1.41 1.40
CA VAL A 46 -9.31 0.34 1.65
C VAL A 46 -7.94 0.71 1.11
N LEU A 47 -7.90 1.30 -0.09
CA LEU A 47 -6.64 1.72 -0.68
C LEU A 47 -5.94 2.74 0.21
N ALA A 48 -6.70 3.72 0.73
CA ALA A 48 -6.09 4.73 1.60
C ALA A 48 -5.49 4.09 2.84
N ARG A 49 -6.24 3.19 3.50
CA ARG A 49 -5.75 2.54 4.72
CA ARG A 49 -5.74 2.56 4.72
C ARG A 49 -4.51 1.71 4.44
N SER A 50 -4.54 0.95 3.35
CA SER A 50 -3.42 0.05 3.04
CA SER A 50 -3.41 0.05 3.07
C SER A 50 -2.18 0.84 2.66
N THR A 51 -2.36 1.96 1.95
CA THR A 51 -1.20 2.75 1.55
C THR A 51 -0.55 3.41 2.75
N ALA A 52 -1.35 3.90 3.70
CA ALA A 52 -0.76 4.46 4.93
C ALA A 52 0.00 3.40 5.70
N ARG A 53 -0.58 2.21 5.84
CA ARG A 53 0.12 1.15 6.54
C ARG A 53 1.42 0.80 5.82
N ALA A 54 1.39 0.76 4.50
CA ALA A 54 2.59 0.44 3.73
C ALA A 54 3.66 1.51 3.90
N VAL A 55 3.27 2.79 3.82
CA VAL A 55 4.26 3.85 3.96
C VAL A 55 4.97 3.74 5.30
N ALA A 56 4.21 3.54 6.38
CA ALA A 56 4.84 3.40 7.70
C ALA A 56 5.75 2.17 7.74
N ALA A 57 5.32 1.07 7.13
CA ALA A 57 6.13 -0.16 7.17
C ALA A 57 7.42 0.00 6.37
N ALA A 58 7.42 0.89 5.39
CA ALA A 58 8.60 1.05 4.55
C ALA A 58 9.73 1.79 5.26
N VAL A 59 9.44 2.46 6.38
CA VAL A 59 10.46 3.12 7.18
C VAL A 59 11.30 2.03 7.85
N PRO A 60 12.62 1.99 7.65
CA PRO A 60 13.43 0.97 8.32
C PRO A 60 13.38 1.13 9.83
N ARG A 61 13.39 0.01 10.52
CA ARG A 61 13.49 0.01 11.98
C ARG A 61 14.38 -1.13 12.41
N PRO A 62 14.87 -1.12 13.66
CA PRO A 62 15.81 -2.16 14.11
C PRO A 62 15.26 -3.55 13.85
N LEU A 63 16.19 -4.46 13.47
CA LEU A 63 15.83 -5.83 13.12
C LEU A 63 14.98 -6.49 14.20
N ALA A 64 15.31 -6.23 15.47
CA ALA A 64 14.57 -6.82 16.58
C ALA A 64 13.10 -6.45 16.57
N GLU A 65 12.72 -5.37 15.88
CA GLU A 65 11.33 -4.93 15.92
C GLU A 65 10.52 -5.37 14.70
N ILE A 66 11.12 -6.00 13.71
CA ILE A 66 10.33 -6.31 12.51
C ILE A 66 9.58 -7.61 12.73
N SER A 67 8.45 -7.75 12.05
CA SER A 67 7.63 -8.95 12.16
CA SER A 67 7.64 -8.94 12.17
C SER A 67 8.31 -10.15 11.52
N ALA A 68 8.11 -11.32 12.12
CA ALA A 68 8.50 -12.56 11.46
C ALA A 68 7.63 -12.76 10.23
N PRO A 69 8.11 -13.53 9.24
CA PRO A 69 7.32 -13.69 7.99
C PRO A 69 5.86 -14.07 8.19
N ASP A 70 5.55 -14.98 9.11
CA ASP A 70 4.17 -15.46 9.26
C ASP A 70 3.51 -14.96 10.55
N ALA A 71 4.04 -13.92 11.17
CA ALA A 71 3.49 -13.46 12.43
C ALA A 71 2.14 -12.80 12.22
N PRO A 72 1.23 -12.94 13.17
CA PRO A 72 -0.07 -12.26 13.07
C PRO A 72 0.11 -10.75 13.18
N ASP A 73 -0.86 -10.03 12.64
CA ASP A 73 -0.85 -8.59 12.75
C ASP A 73 -0.88 -8.16 14.21
N GLU A 74 0.15 -7.45 14.65
CA GLU A 74 0.22 -6.87 15.98
C GLU A 74 0.49 -5.38 15.81
N ARG A 75 -0.15 -4.56 16.66
CA ARG A 75 0.06 -3.12 16.64
C ARG A 75 0.66 -2.68 17.97
N GLY A 76 1.44 -1.60 17.93
CA GLY A 76 2.03 -1.06 19.12
C GLY A 76 1.02 -0.27 19.93
N GLU A 77 1.51 0.26 21.06
CA GLU A 77 0.65 1.07 21.91
C GLU A 77 0.31 2.39 21.22
N LEU A 78 -0.81 2.97 21.66
CA LEU A 78 -1.34 4.16 21.00
C LEU A 78 -0.50 5.39 21.35
N VAL A 79 -0.17 6.17 20.33
CA VAL A 79 0.36 7.51 20.48
C VAL A 79 -0.74 8.48 20.08
N LEU A 80 -1.04 9.42 20.96
CA LEU A 80 -2.21 10.29 20.83
C LEU A 80 -1.77 11.74 20.89
N LEU A 81 -2.25 12.55 19.95
CA LEU A 81 -2.13 14.00 20.04
C LEU A 81 -3.52 14.59 19.82
N GLU A 82 -4.11 15.20 20.85
CA GLU A 82 -5.49 15.67 20.73
C GLU A 82 -5.57 17.14 21.16
N LYS A 83 -6.78 17.70 21.03
CA LYS A 83 -7.06 19.10 21.37
C LYS A 83 -6.21 20.03 20.49
N VAL A 84 -6.00 19.61 19.23
CA VAL A 84 -5.23 20.35 18.24
C VAL A 84 -6.19 21.18 17.41
N ILE A 85 -5.79 22.39 17.03
CA ILE A 85 -6.61 23.25 16.17
C ILE A 85 -5.91 23.42 14.84
N GLN A 86 -6.62 23.18 13.74
CA GLN A 86 -6.06 23.39 12.42
C GLN A 86 -6.85 24.49 11.75
N GLU A 87 -6.14 25.50 11.21
CA GLU A 87 -6.74 26.70 10.64
C GLU A 87 -6.25 26.89 9.20
N VAL A 88 -7.19 27.12 8.29
CA VAL A 88 -6.82 27.31 6.89
C VAL A 88 -6.05 28.62 6.74
N ALA A 89 -4.94 28.56 6.00
CA ALA A 89 -4.19 29.77 5.69
C ALA A 89 -4.54 30.24 4.28
N ASP A 90 -4.17 29.47 3.25
CA ASP A 90 -4.49 29.81 1.88
C ASP A 90 -5.30 28.70 1.23
N ARG A 91 -6.16 29.08 0.30
CA ARG A 91 -7.02 28.14 -0.41
CA ARG A 91 -6.98 28.12 -0.41
C ARG A 91 -7.04 28.51 -1.88
N GLU A 92 -6.78 27.54 -2.75
CA GLU A 92 -6.86 27.74 -4.20
C GLU A 92 -7.93 26.80 -4.76
N TYR A 93 -8.91 27.37 -5.47
CA TYR A 93 -9.99 26.56 -6.01
C TYR A 93 -10.65 27.33 -7.15
N THR A 94 -10.62 26.77 -8.35
CA THR A 94 -11.34 27.34 -9.47
C THR A 94 -12.41 26.34 -9.88
N PRO A 95 -13.69 26.62 -9.62
CA PRO A 95 -14.71 25.60 -9.88
C PRO A 95 -14.86 25.32 -11.37
N LEU A 96 -15.12 24.05 -11.69
CA LEU A 96 -15.41 23.69 -13.08
C LEU A 96 -16.77 24.18 -13.52
N SER A 97 -17.71 24.29 -12.59
CA SER A 97 -19.06 24.68 -12.97
C SER A 97 -19.51 25.86 -12.12
N PRO A 98 -20.22 26.82 -12.71
CA PRO A 98 -20.74 27.94 -11.92
C PRO A 98 -21.85 27.53 -10.96
N GLU A 99 -22.41 26.33 -11.13
CA GLU A 99 -23.58 25.90 -10.37
C GLU A 99 -23.25 25.41 -8.97
N GLY A 100 -22.01 25.01 -8.73
CA GLY A 100 -21.65 24.41 -7.46
C GLY A 100 -20.50 23.42 -7.65
N PRO A 101 -20.15 22.71 -6.59
CA PRO A 101 -19.06 21.73 -6.70
C PRO A 101 -19.37 20.71 -7.77
N SER A 102 -18.32 20.27 -8.49
CA SER A 102 -18.44 19.30 -9.57
C SER A 102 -17.44 18.18 -9.36
N VAL A 103 -17.80 16.99 -9.85
CA VAL A 103 -16.83 15.91 -9.92
C VAL A 103 -15.66 16.35 -10.80
N GLY A 104 -14.44 16.17 -10.29
CA GLY A 104 -13.24 16.63 -10.93
C GLY A 104 -12.69 17.93 -10.39
N ASP A 105 -13.45 18.64 -9.56
CA ASP A 105 -12.95 19.87 -8.95
C ASP A 105 -11.71 19.58 -8.12
N LEU A 106 -10.79 20.54 -8.11
CA LEU A 106 -9.52 20.41 -7.40
C LEU A 106 -9.38 21.57 -6.43
N VAL A 107 -9.02 21.26 -5.18
CA VAL A 107 -8.78 22.28 -4.16
C VAL A 107 -7.38 22.09 -3.62
N LEU A 108 -6.62 23.17 -3.57
CA LEU A 108 -5.37 23.17 -2.83
C LEU A 108 -5.51 24.03 -1.59
N VAL A 109 -4.97 23.55 -0.46
CA VAL A 109 -5.18 24.26 0.79
C VAL A 109 -3.93 24.11 1.64
N THR A 110 -3.63 25.15 2.42
CA THR A 110 -2.61 25.06 3.46
C THR A 110 -3.25 25.36 4.79
N GLU A 111 -2.70 24.76 5.86
CA GLU A 111 -3.19 25.00 7.21
C GLU A 111 -2.03 25.23 8.15
N LYS A 112 -2.29 26.04 9.17
CA LYS A 112 -1.43 26.11 10.34
C LYS A 112 -2.06 25.28 11.46
N ILE A 113 -1.22 24.63 12.25
CA ILE A 113 -1.66 23.68 13.26
C ILE A 113 -1.18 24.18 14.62
N TYR A 114 -2.10 24.29 15.58
CA TYR A 114 -1.84 24.89 16.89
C TYR A 114 -2.19 23.95 18.03
N ASN A 115 -1.51 24.10 19.17
CA ASN A 115 -1.99 23.48 20.39
C ASN A 115 -2.98 24.44 21.07
N SER A 116 -3.52 24.01 22.22
CA SER A 116 -4.57 24.77 22.88
C SER A 116 -4.09 26.12 23.43
N ASP A 117 -2.78 26.33 23.55
CA ASP A 117 -2.23 27.61 23.97
C ASP A 117 -1.90 28.51 22.79
N ARG A 118 -2.35 28.15 21.59
CA ARG A 118 -2.19 28.93 20.36
C ARG A 118 -0.74 28.99 19.92
N GLU A 119 0.08 28.03 20.33
CA GLU A 119 1.42 27.91 19.79
C GLU A 119 1.35 27.15 18.48
N GLU A 120 2.02 27.67 17.46
CA GLU A 120 2.06 26.97 16.17
C GLU A 120 2.96 25.75 16.30
N ILE A 121 2.38 24.56 16.13
CA ILE A 121 3.12 23.31 16.30
C ILE A 121 3.31 22.57 14.99
N GLY A 122 2.75 23.06 13.90
CA GLY A 122 2.92 22.40 12.64
C GLY A 122 2.19 23.12 11.52
N ALA A 123 2.17 22.48 10.36
CA ALA A 123 1.53 23.04 9.19
C ALA A 123 1.28 21.92 8.22
N ASP A 124 0.36 22.14 7.28
CA ASP A 124 0.14 21.11 6.28
C ASP A 124 -0.21 21.76 4.95
N THR A 125 -0.12 20.96 3.91
CA THR A 125 -0.62 21.31 2.58
C THR A 125 -1.47 20.15 2.11
N GLY A 126 -2.63 20.45 1.55
CA GLY A 126 -3.56 19.43 1.11
C GLY A 126 -3.94 19.60 -0.34
N ARG A 127 -4.07 18.48 -1.04
CA ARG A 127 -4.56 18.45 -2.41
C ARG A 127 -5.82 17.58 -2.40
N LEU A 128 -6.95 18.17 -2.76
CA LEU A 128 -8.24 17.50 -2.65
C LEU A 128 -8.94 17.47 -4.00
N ARG A 129 -9.51 16.33 -4.34
CA ARG A 129 -10.22 16.15 -5.61
C ARG A 129 -11.61 15.63 -5.32
N ILE A 130 -12.64 16.26 -5.91
CA ILE A 130 -13.99 15.70 -5.81
C ILE A 130 -14.04 14.53 -6.79
N ILE A 131 -14.18 13.31 -6.26
CA ILE A 131 -14.00 12.11 -7.06
C ILE A 131 -15.33 11.55 -7.56
N ARG A 132 -16.43 11.79 -6.83
CA ARG A 132 -17.71 11.23 -7.26
C ARG A 132 -18.87 11.96 -6.60
N LYS A 133 -20.03 11.84 -7.23
CA LYS A 133 -21.30 12.27 -6.67
C LYS A 133 -22.20 11.04 -6.64
N ASP A 134 -22.66 10.67 -5.45
CA ASP A 134 -23.38 9.41 -5.30
C ASP A 134 -24.71 9.50 -6.04
N PRO A 135 -25.03 8.52 -6.89
CA PRO A 135 -26.27 8.63 -7.69
C PRO A 135 -27.53 8.54 -6.84
N GLU A 136 -27.48 7.91 -5.67
CA GLU A 136 -28.67 7.77 -4.84
C GLU A 136 -28.86 8.94 -3.90
N THR A 137 -27.80 9.32 -3.15
CA THR A 137 -27.91 10.39 -2.16
C THR A 137 -27.62 11.77 -2.74
N GLY A 138 -26.85 11.86 -3.83
CA GLY A 138 -26.39 13.13 -4.31
C GLY A 138 -25.23 13.71 -3.55
N HIS A 139 -24.70 12.99 -2.56
CA HIS A 139 -23.57 13.52 -1.80
C HIS A 139 -22.28 13.38 -2.59
N HIS A 140 -21.33 14.24 -2.29
CA HIS A 140 -20.05 14.29 -2.97
C HIS A 140 -18.96 13.71 -2.08
N PHE A 141 -18.00 13.06 -2.72
CA PHE A 141 -16.90 12.44 -2.01
C PHE A 141 -15.60 12.97 -2.56
N THR A 142 -14.62 13.11 -1.68
CA THR A 142 -13.33 13.69 -2.04
CA THR A 142 -13.33 13.70 -2.01
C THR A 142 -12.21 12.75 -1.65
N VAL A 143 -11.16 12.74 -2.47
CA VAL A 143 -9.90 12.09 -2.11
C VAL A 143 -8.89 13.19 -1.84
N SER A 144 -8.02 12.95 -0.89
CA SER A 144 -7.08 13.99 -0.49
C SER A 144 -5.73 13.37 -0.22
N LEU A 145 -4.70 14.14 -0.51
CA LEU A 145 -3.32 13.81 -0.17
C LEU A 145 -2.79 14.99 0.63
N VAL A 146 -2.37 14.73 1.85
CA VAL A 146 -1.93 15.78 2.76
C VAL A 146 -0.47 15.52 3.12
N THR A 147 0.32 16.58 3.10
CA THR A 147 1.68 16.51 3.62
CA THR A 147 1.69 16.54 3.60
C THR A 147 1.79 17.50 4.78
N SER A 148 2.38 17.06 5.87
CA SER A 148 2.30 17.82 7.11
CA SER A 148 2.35 17.88 7.07
C SER A 148 3.55 17.60 7.93
N THR A 149 3.84 18.57 8.79
CA THR A 149 4.79 18.39 9.88
C THR A 149 4.06 18.82 11.14
N VAL A 150 4.05 17.95 12.15
CA VAL A 150 3.33 18.22 13.40
C VAL A 150 4.23 17.81 14.55
N GLN A 151 4.59 18.76 15.40
CA GLN A 151 5.46 18.48 16.55
C GLN A 151 6.76 17.78 16.12
N GLY A 152 7.29 18.18 14.98
CA GLY A 152 8.52 17.58 14.50
C GLY A 152 8.36 16.23 13.82
N ASN A 153 7.13 15.80 13.55
CA ASN A 153 6.85 14.55 12.86
C ASN A 153 6.41 14.87 11.45
N LYS A 154 7.06 14.24 10.47
CA LYS A 154 6.69 14.46 9.07
C LYS A 154 5.71 13.38 8.64
N LEU A 155 4.56 13.80 8.11
CA LEU A 155 3.41 12.93 7.87
C LEU A 155 2.97 13.03 6.42
N PHE A 156 2.47 11.90 5.92
CA PHE A 156 1.61 11.87 4.75
C PHE A 156 0.23 11.41 5.20
N ALA A 157 -0.82 11.95 4.59
CA ALA A 157 -2.17 11.48 4.89
C ALA A 157 -2.94 11.25 3.60
N PHE A 158 -3.73 10.18 3.59
CA PHE A 158 -4.50 9.76 2.42
C PHE A 158 -5.95 9.65 2.85
N GLY A 159 -6.82 10.37 2.20
CA GLY A 159 -8.20 10.48 2.64
C GLY A 159 -9.20 10.17 1.55
N TYR A 160 -10.30 9.52 1.95
CA TYR A 160 -11.49 9.37 1.12
C TYR A 160 -12.67 9.68 2.04
N THR A 161 -13.30 10.84 1.86
CA THR A 161 -14.29 11.32 2.83
C THR A 161 -15.52 11.89 2.12
N GLU A 162 -16.61 12.00 2.87
CA GLU A 162 -17.86 12.57 2.35
C GLU A 162 -17.92 14.05 2.65
N GLU A 164 -20.56 16.39 2.34
CA GLU A 164 -21.71 16.93 3.07
C GLU A 164 -21.62 16.57 4.55
N ALA A 165 -21.14 15.37 4.87
CA ALA A 165 -21.04 14.97 6.27
C ALA A 165 -20.06 15.86 7.02
N GLN A 166 -18.94 16.20 6.38
CA GLN A 166 -17.98 17.08 7.05
C GLN A 166 -18.56 18.48 7.24
N LEU A 167 -19.24 19.01 6.23
CA LEU A 167 -19.76 20.38 6.32
C LEU A 167 -20.82 20.51 7.39
N ALA A 168 -21.54 19.43 7.67
CA ALA A 168 -22.59 19.39 8.68
C ALA A 168 -22.04 19.16 10.08
N GLY A 169 -20.74 19.08 10.23
CA GLY A 169 -20.12 18.90 11.53
C GLY A 169 -19.79 17.47 11.90
N GLY A 170 -19.77 16.55 10.94
CA GLY A 170 -19.48 15.17 11.25
C GLY A 170 -17.99 14.94 11.41
N ARG A 171 -17.63 14.00 12.30
CA ARG A 171 -16.23 13.62 12.42
CA ARG A 171 -16.24 13.61 12.42
C ARG A 171 -15.75 13.04 11.10
N THR A 172 -14.62 13.57 10.63
CA THR A 172 -14.04 13.21 9.33
C THR A 172 -12.66 12.62 9.57
N THR A 173 -12.36 11.50 8.93
CA THR A 173 -11.15 10.76 9.25
C THR A 173 -10.37 10.42 8.00
N ILE A 174 -9.05 10.63 8.05
CA ILE A 174 -8.13 10.25 6.98
C ILE A 174 -6.98 9.43 7.57
N GLN A 175 -6.24 8.76 6.69
CA GLN A 175 -5.28 7.74 7.08
C GLN A 175 -3.88 8.35 7.05
N VAL A 176 -3.13 8.27 8.17
CA VAL A 176 -1.86 8.98 8.28
CA VAL A 176 -1.87 8.99 8.31
C VAL A 176 -0.72 8.01 8.50
N ALA A 177 0.45 8.37 7.97
CA ALA A 177 1.69 7.66 8.22
C ALA A 177 2.80 8.67 8.48
N CYS A 178 3.68 8.36 9.43
CA CYS A 178 4.81 9.22 9.77
C CYS A 178 6.09 8.61 9.22
N TRP A 179 6.86 9.38 8.47
CA TRP A 179 8.10 8.87 7.89
C TRP A 179 9.35 9.44 8.50
N ASP A 180 9.25 10.40 9.42
CA ASP A 180 10.42 11.01 10.01
C ASP A 180 10.00 11.68 11.31
N GLY A 181 10.84 11.55 12.34
CA GLY A 181 10.54 12.12 13.63
C GLY A 181 10.21 11.05 14.66
N PRO A 182 9.84 11.47 15.88
CA PRO A 182 9.56 10.50 16.94
C PRO A 182 8.53 9.46 16.58
N TRP A 183 7.58 9.80 15.72
CA TRP A 183 6.56 8.88 15.26
C TRP A 183 6.98 8.07 14.03
N ALA A 184 8.23 8.12 13.61
CA ALA A 184 8.59 7.50 12.34
C ALA A 184 8.24 6.02 12.35
N GLY A 185 7.64 5.55 11.25
CA GLY A 185 7.25 4.16 11.10
C GLY A 185 5.94 3.79 11.74
N SER A 187 1.60 4.42 11.91
CA SER A 187 0.47 4.85 11.09
C SER A 187 -0.82 4.80 11.90
N GLY A 188 -1.83 5.49 11.40
CA GLY A 188 -3.09 5.51 12.10
C GLY A 188 -4.03 6.52 11.46
N THR A 189 -4.65 7.37 12.26
CA THR A 189 -5.68 8.24 11.74
C THR A 189 -5.48 9.68 12.19
N LEU A 190 -5.94 10.59 11.35
CA LEU A 190 -6.13 12.00 11.66
C LEU A 190 -7.62 12.25 11.49
N SER A 191 -8.31 12.59 12.58
CA SER A 191 -9.74 12.85 12.54
CA SER A 191 -9.73 12.86 12.49
C SER A 191 -9.99 14.28 13.00
N TRP A 192 -11.09 14.86 12.52
CA TRP A 192 -11.39 16.22 12.95
C TRP A 192 -12.88 16.46 12.85
N VAL A 193 -13.32 17.49 13.56
CA VAL A 193 -14.67 18.05 13.43
C VAL A 193 -14.49 19.53 13.17
N ILE A 194 -15.11 20.06 12.11
CA ILE A 194 -14.90 21.46 11.79
C ILE A 194 -15.61 22.34 12.81
N ASN A 195 -14.99 23.47 13.13
CA ASN A 195 -15.65 24.52 13.90
C ASN A 195 -16.28 25.56 12.98
N SER A 196 -15.72 25.71 11.78
CA SER A 196 -16.14 26.70 10.79
C SER A 196 -15.55 26.27 9.46
N THR A 198 -13.08 27.48 8.20
CA THR A 198 -11.63 27.66 8.24
C THR A 198 -10.94 27.10 9.47
N ALA A 199 -11.65 26.52 10.43
CA ALA A 199 -10.99 26.00 11.62
C ALA A 199 -11.59 24.64 11.96
N ALA A 200 -10.76 23.76 12.51
CA ALA A 200 -11.25 22.45 12.93
C ALA A 200 -10.44 22.00 14.15
N GLU A 201 -11.08 21.18 14.98
CA GLU A 201 -10.40 20.50 16.07
C GLU A 201 -10.05 19.09 15.63
N SER A 202 -8.79 18.70 15.81
CA SER A 202 -8.29 17.46 15.26
C SER A 202 -7.66 16.57 16.32
N ARG A 203 -7.40 15.32 15.92
CA ARG A 203 -6.90 14.29 16.83
C ARG A 203 -6.09 13.30 16.01
N TYR A 204 -4.86 13.07 16.44
CA TYR A 204 -3.94 12.13 15.80
C TYR A 204 -3.86 10.87 16.65
N GLU A 205 -4.00 9.71 16.01
CA GLU A 205 -3.88 8.42 16.69
C GLU A 205 -2.93 7.59 15.85
N LEU A 206 -1.76 7.26 16.41
CA LEU A 206 -0.78 6.49 15.65
C LEU A 206 -0.31 5.29 16.46
N ARG A 207 0.08 4.23 15.75
CA ARG A 207 0.62 3.04 16.37
C ARG A 207 1.66 2.41 15.46
N ARG A 208 2.68 1.83 16.05
CA ARG A 208 3.56 0.96 15.27
C ARG A 208 2.72 -0.14 14.60
N THR B 5 18.22 -17.95 -25.32
CA THR B 5 16.93 -17.62 -24.73
C THR B 5 17.03 -17.57 -23.20
N SER B 6 16.34 -16.61 -22.59
CA SER B 6 16.51 -16.40 -21.15
C SER B 6 15.27 -15.72 -20.59
N ILE B 7 15.24 -15.62 -19.27
CA ILE B 7 14.08 -15.11 -18.55
C ILE B 7 13.98 -13.60 -18.73
N ASP B 8 12.76 -13.12 -18.97
CA ASP B 8 12.44 -11.70 -19.07
C ASP B 8 12.31 -11.11 -17.67
N PRO B 9 13.24 -10.24 -17.24
CA PRO B 9 13.20 -9.73 -15.87
C PRO B 9 12.28 -8.55 -15.64
N THR B 10 11.69 -7.97 -16.68
CA THR B 10 10.92 -6.77 -16.50
CA THR B 10 10.89 -6.77 -16.54
C THR B 10 9.55 -7.10 -15.89
N THR B 11 9.11 -6.22 -15.00
CA THR B 11 7.82 -6.40 -14.36
C THR B 11 6.74 -5.91 -15.32
N PRO B 12 5.78 -6.75 -15.70
CA PRO B 12 4.76 -6.32 -16.66
C PRO B 12 3.91 -5.19 -16.10
N LEU B 13 3.60 -4.21 -16.96
CA LEU B 13 2.75 -3.12 -16.55
C LEU B 13 1.30 -3.52 -16.69
N THR B 14 0.46 -3.09 -15.73
CA THR B 14 -0.98 -3.26 -15.87
C THR B 14 -1.64 -2.12 -16.62
N TYR B 15 -0.95 -0.97 -16.74
CA TYR B 15 -1.45 0.29 -17.28
C TYR B 15 -2.49 0.94 -16.36
N ASN B 16 -2.70 0.36 -15.18
CA ASN B 16 -3.37 1.06 -14.08
C ASN B 16 -2.25 1.77 -13.33
N PRO B 17 -2.13 3.09 -13.45
CA PRO B 17 -0.95 3.76 -12.88
C PRO B 17 -0.84 3.63 -11.38
N VAL B 18 -1.96 3.40 -10.68
CA VAL B 18 -1.89 3.18 -9.24
C VAL B 18 -1.24 1.84 -8.94
N ILE B 19 -1.73 0.79 -9.61
CA ILE B 19 -1.14 -0.54 -9.41
C ILE B 19 0.32 -0.54 -9.82
N ASP B 20 0.64 0.07 -10.96
CA ASP B 20 2.02 0.02 -11.43
C ASP B 20 2.98 0.71 -10.46
N ALA B 21 2.53 1.80 -9.82
CA ALA B 21 3.33 2.46 -8.79
C ALA B 21 3.46 1.60 -7.54
N LEU B 22 2.37 0.96 -7.10
CA LEU B 22 2.42 0.08 -5.94
C LEU B 22 3.36 -1.09 -6.18
N VAL B 23 3.24 -1.74 -7.33
CA VAL B 23 4.14 -2.84 -7.66
C VAL B 23 5.57 -2.32 -7.75
N GLY B 24 5.74 -1.14 -8.35
CA GLY B 24 7.07 -0.54 -8.44
C GLY B 24 7.71 -0.27 -7.08
N SER B 25 6.90 0.04 -6.07
CA SER B 25 7.48 0.28 -4.75
C SER B 25 8.07 -1.01 -4.19
N TRP B 26 7.41 -2.15 -4.44
CA TRP B 26 7.95 -3.42 -3.97
C TRP B 26 9.13 -3.87 -4.81
N ARG B 27 9.14 -3.56 -6.12
CA ARG B 27 10.35 -3.79 -6.90
C ARG B 27 11.54 -3.06 -6.30
N GLN B 28 11.31 -1.86 -5.73
CA GLN B 28 12.41 -1.15 -5.06
C GLN B 28 12.91 -1.89 -3.82
N ILE B 29 12.02 -2.59 -3.13
CA ILE B 29 12.42 -3.48 -2.04
C ILE B 29 13.31 -4.61 -2.56
N ILE B 30 12.94 -5.21 -3.70
CA ILE B 30 13.71 -6.34 -4.24
C ILE B 30 15.11 -5.88 -4.59
N ASP B 31 15.23 -4.67 -5.14
CA ASP B 31 16.48 -4.22 -5.74
C ASP B 31 17.25 -3.25 -4.87
N ALA B 32 16.85 -3.09 -3.60
CA ALA B 32 17.61 -2.26 -2.67
C ALA B 32 18.97 -2.90 -2.40
N ASP B 33 19.86 -2.11 -1.79
CA ASP B 33 21.19 -2.59 -1.42
C ASP B 33 21.14 -3.22 -0.03
N TYR B 34 21.41 -4.52 0.04
CA TYR B 34 21.40 -5.23 1.31
C TYR B 34 22.82 -5.66 1.66
N SER B 35 23.08 -5.74 2.96
CA SER B 35 24.42 -6.02 3.43
C SER B 35 24.32 -6.84 4.71
N ALA B 36 25.30 -7.74 4.88
CA ALA B 36 25.29 -8.63 6.04
C ALA B 36 25.30 -7.88 7.36
N ASP B 37 25.77 -6.63 7.39
CA ASP B 37 25.80 -5.87 8.64
C ASP B 37 24.68 -4.83 8.74
N ASP B 38 23.61 -4.98 7.95
CA ASP B 38 22.43 -4.15 8.15
C ASP B 38 21.89 -4.35 9.56
N THR B 39 21.57 -3.23 10.21
CA THR B 39 20.95 -3.27 11.54
C THR B 39 19.49 -2.85 11.53
N ARG B 40 18.98 -2.35 10.42
CA ARG B 40 17.57 -2.01 10.35
C ARG B 40 17.04 -2.33 8.96
N LEU B 41 15.76 -2.68 8.90
CA LEU B 41 15.07 -3.01 7.67
C LEU B 41 13.64 -2.49 7.73
N PRO B 42 13.00 -2.30 6.59
CA PRO B 42 11.55 -2.09 6.60
C PRO B 42 10.87 -3.27 7.28
N ASP B 43 9.62 -3.05 7.69
CA ASP B 43 8.81 -4.11 8.28
C ASP B 43 8.21 -4.88 7.12
N LEU B 44 9.02 -5.80 6.57
CA LEU B 44 8.76 -6.37 5.25
C LEU B 44 7.48 -7.20 5.21
N ALA B 45 7.20 -7.97 6.26
CA ALA B 45 5.98 -8.76 6.27
C ALA B 45 4.74 -7.88 6.21
N VAL B 46 4.72 -6.81 7.01
CA VAL B 46 3.60 -5.88 6.96
C VAL B 46 3.55 -5.15 5.62
N LEU B 47 4.70 -4.75 5.09
CA LEU B 47 4.73 -4.07 3.79
C LEU B 47 4.18 -4.95 2.69
N ALA B 48 4.57 -6.23 2.68
CA ALA B 48 4.08 -7.14 1.66
C ALA B 48 2.56 -7.30 1.74
N ARG B 49 2.03 -7.48 2.96
CA ARG B 49 0.58 -7.66 3.10
C ARG B 49 -0.16 -6.39 2.71
N SER B 50 0.34 -5.23 3.14
CA SER B 50 -0.33 -3.97 2.85
C SER B 50 -0.31 -3.66 1.36
N THR B 51 0.81 -3.96 0.69
CA THR B 51 0.92 -3.71 -0.73
C THR B 51 -0.01 -4.62 -1.53
N ALA B 52 -0.15 -5.89 -1.12
CA ALA B 52 -1.11 -6.77 -1.77
C ALA B 52 -2.53 -6.25 -1.60
N ARG B 53 -2.89 -5.83 -0.39
CA ARG B 53 -4.23 -5.30 -0.17
C ARG B 53 -4.48 -4.06 -1.02
N ALA B 54 -3.46 -3.21 -1.14
CA ALA B 54 -3.60 -1.98 -1.92
C ALA B 54 -3.74 -2.27 -3.40
N VAL B 55 -2.97 -3.23 -3.92
CA VAL B 55 -3.08 -3.57 -5.33
C VAL B 55 -4.49 -4.03 -5.66
N ALA B 56 -5.06 -4.89 -4.81
CA ALA B 56 -6.42 -5.38 -5.06
C ALA B 56 -7.45 -4.27 -4.93
N ALA B 57 -7.28 -3.39 -3.95
CA ALA B 57 -8.22 -2.28 -3.77
C ALA B 57 -8.17 -1.29 -4.93
N ALA B 58 -7.01 -1.16 -5.57
CA ALA B 58 -6.85 -0.23 -6.69
C ALA B 58 -7.57 -0.68 -7.95
N VAL B 59 -8.09 -1.91 -8.01
CA VAL B 59 -8.88 -2.36 -9.17
C VAL B 59 -10.23 -1.68 -9.16
N PRO B 60 -10.65 -1.01 -10.23
CA PRO B 60 -11.99 -0.41 -10.24
C PRO B 60 -13.08 -1.47 -10.17
N ARG B 61 -14.16 -1.14 -9.47
CA ARG B 61 -15.30 -2.04 -9.31
C ARG B 61 -16.56 -1.20 -9.31
N PRO B 62 -17.73 -1.83 -9.53
CA PRO B 62 -18.99 -1.08 -9.46
C PRO B 62 -19.12 -0.27 -8.18
N LEU B 63 -19.72 0.92 -8.31
CA LEU B 63 -19.84 1.85 -7.19
C LEU B 63 -20.46 1.21 -5.96
N ALA B 64 -21.48 0.37 -6.16
CA ALA B 64 -22.20 -0.22 -5.04
C ALA B 64 -21.35 -1.16 -4.22
N GLU B 65 -20.18 -1.56 -4.71
CA GLU B 65 -19.32 -2.49 -4.00
C GLU B 65 -18.20 -1.80 -3.24
N ILE B 66 -18.04 -0.50 -3.34
CA ILE B 66 -16.90 0.12 -2.67
C ILE B 66 -17.29 0.44 -1.23
N SER B 67 -16.29 0.40 -0.37
CA SER B 67 -16.50 0.63 1.04
CA SER B 67 -16.52 0.63 1.04
C SER B 67 -16.85 2.09 1.32
N ALA B 68 -17.70 2.32 2.32
CA ALA B 68 -17.91 3.66 2.84
C ALA B 68 -16.64 4.16 3.51
N PRO B 69 -16.46 5.48 3.60
CA PRO B 69 -15.24 6.03 4.20
C PRO B 69 -14.83 5.43 5.56
N ASP B 70 -15.76 5.16 6.48
CA ASP B 70 -15.36 4.67 7.81
C ASP B 70 -15.76 3.22 8.04
N ALA B 71 -16.08 2.49 6.99
CA ALA B 71 -16.56 1.12 7.16
C ALA B 71 -15.47 0.23 7.73
N PRO B 72 -15.82 -0.72 8.58
CA PRO B 72 -14.82 -1.68 9.08
C PRO B 72 -14.33 -2.57 7.96
N ASP B 73 -13.18 -3.19 8.19
CA ASP B 73 -12.62 -4.10 7.20
C ASP B 73 -13.50 -5.33 7.10
N GLU B 74 -14.27 -5.43 6.03
CA GLU B 74 -15.09 -6.60 5.74
C GLU B 74 -14.53 -7.30 4.50
N ARG B 75 -14.33 -8.60 4.60
CA ARG B 75 -13.79 -9.39 3.50
C ARG B 75 -14.90 -10.25 2.90
N GLY B 76 -14.77 -10.50 1.59
CA GLY B 76 -15.72 -11.32 0.87
C GLY B 76 -15.53 -12.80 1.14
N GLU B 77 -16.35 -13.60 0.46
CA GLU B 77 -16.26 -15.05 0.58
C GLU B 77 -14.92 -15.54 0.07
N LEU B 78 -14.46 -16.65 0.64
CA LEU B 78 -13.15 -17.19 0.26
C LEU B 78 -13.22 -17.83 -1.12
N VAL B 79 -12.23 -17.53 -1.96
CA VAL B 79 -11.97 -18.28 -3.18
C VAL B 79 -10.72 -19.11 -2.95
N LEU B 80 -10.82 -20.42 -3.17
CA LEU B 80 -9.76 -21.36 -2.82
C LEU B 80 -9.41 -22.23 -4.01
N LEU B 81 -8.11 -22.33 -4.30
CA LEU B 81 -7.61 -23.22 -5.34
C LEU B 81 -6.44 -23.98 -4.75
N GLU B 82 -6.59 -25.28 -4.55
CA GLU B 82 -5.62 -26.07 -3.81
C GLU B 82 -5.08 -27.23 -4.65
N LYS B 83 -4.01 -27.84 -4.13
CA LYS B 83 -3.32 -28.96 -4.76
C LYS B 83 -2.84 -28.59 -6.16
N VAL B 84 -2.49 -27.32 -6.34
CA VAL B 84 -1.89 -26.85 -7.58
C VAL B 84 -0.44 -27.32 -7.65
N ILE B 85 0.01 -27.67 -8.84
CA ILE B 85 1.39 -28.11 -9.06
C ILE B 85 2.14 -27.00 -9.80
N GLN B 86 3.25 -26.55 -9.24
CA GLN B 86 4.09 -25.55 -9.89
C GLN B 86 5.47 -26.15 -10.13
N GLU B 87 5.89 -26.15 -11.40
CA GLU B 87 7.13 -26.79 -11.81
C GLU B 87 8.06 -25.76 -12.44
N VAL B 88 9.31 -25.74 -12.00
CA VAL B 88 10.28 -24.80 -12.56
C VAL B 88 10.48 -25.07 -14.04
N ALA B 89 10.41 -24.02 -14.85
CA ALA B 89 10.71 -24.13 -16.27
C ALA B 89 12.14 -23.69 -16.55
N ASP B 90 12.48 -22.47 -16.15
CA ASP B 90 13.81 -21.93 -16.30
C ASP B 90 14.21 -21.25 -15.00
N ARG B 91 15.51 -21.22 -14.74
CA ARG B 91 16.02 -20.54 -13.56
C ARG B 91 17.34 -19.89 -13.92
N GLU B 92 17.62 -18.75 -13.30
CA GLU B 92 18.88 -18.05 -13.55
C GLU B 92 19.42 -17.57 -12.20
N TYR B 93 20.58 -18.09 -11.83
CA TYR B 93 21.17 -17.79 -10.52
C TYR B 93 22.68 -17.78 -10.70
N THR B 94 23.29 -16.62 -10.52
CA THR B 94 24.74 -16.52 -10.49
C THR B 94 25.17 -16.11 -9.09
N PRO B 95 25.70 -17.02 -8.29
CA PRO B 95 26.04 -16.66 -6.91
C PRO B 95 27.14 -15.58 -6.85
N LEU B 96 27.00 -14.67 -5.90
CA LEU B 96 28.05 -13.70 -5.59
C LEU B 96 29.29 -14.38 -5.00
N SER B 97 29.10 -15.54 -4.38
CA SER B 97 30.19 -16.22 -3.70
C SER B 97 30.18 -17.71 -4.00
N PRO B 98 31.36 -18.30 -4.20
CA PRO B 98 31.43 -19.76 -4.36
C PRO B 98 31.09 -20.52 -3.08
N GLU B 99 31.04 -19.84 -1.94
CA GLU B 99 30.90 -20.52 -0.66
C GLU B 99 29.46 -20.76 -0.26
N GLY B 100 28.50 -20.32 -1.06
CA GLY B 100 27.09 -20.54 -0.77
C GLY B 100 26.29 -19.25 -0.95
N PRO B 101 25.01 -19.28 -0.60
CA PRO B 101 24.17 -18.09 -0.79
C PRO B 101 24.70 -16.91 0.01
N SER B 102 24.52 -15.72 -0.57
CA SER B 102 25.03 -14.48 0.00
C SER B 102 23.90 -13.47 0.05
N VAL B 103 23.95 -12.57 1.04
CA VAL B 103 23.06 -11.42 1.02
C VAL B 103 23.34 -10.63 -0.25
N GLY B 104 22.28 -10.26 -0.96
CA GLY B 104 22.38 -9.62 -2.25
C GLY B 104 22.23 -10.55 -3.43
N ASP B 105 22.26 -11.87 -3.21
CA ASP B 105 22.02 -12.80 -4.30
C ASP B 105 20.66 -12.57 -4.94
N LEU B 106 20.62 -12.75 -6.26
CA LEU B 106 19.42 -12.60 -7.09
C LEU B 106 19.13 -13.93 -7.77
N VAL B 107 17.87 -14.39 -7.69
CA VAL B 107 17.41 -15.57 -8.40
C VAL B 107 16.23 -15.17 -9.27
N LEU B 108 16.26 -15.54 -10.55
CA LEU B 108 15.13 -15.40 -11.45
C LEU B 108 14.59 -16.76 -11.82
N VAL B 109 13.27 -16.90 -11.84
CA VAL B 109 12.69 -18.22 -12.04
C VAL B 109 11.40 -18.06 -12.82
N THR B 110 11.12 -19.03 -13.68
CA THR B 110 9.82 -19.18 -14.29
C THR B 110 9.26 -20.55 -13.95
N GLU B 111 7.95 -20.64 -13.86
CA GLU B 111 7.29 -21.90 -13.58
C GLU B 111 6.10 -22.07 -14.51
N LYS B 112 5.78 -23.33 -14.77
CA LYS B 112 4.47 -23.69 -15.33
C LYS B 112 3.57 -24.15 -14.19
N ILE B 113 2.28 -23.86 -14.33
CA ILE B 113 1.31 -24.07 -13.25
C ILE B 113 0.20 -24.98 -13.77
N TYR B 114 -0.10 -26.02 -12.98
CA TYR B 114 -1.06 -27.06 -13.34
C TYR B 114 -2.05 -27.26 -12.20
N ASN B 115 -3.29 -27.63 -12.54
CA ASN B 115 -4.23 -27.97 -11.47
C ASN B 115 -4.03 -29.42 -11.05
N SER B 116 -4.80 -29.86 -10.06
CA SER B 116 -4.61 -31.20 -9.51
C SER B 116 -4.91 -32.29 -10.53
N ASP B 117 -5.67 -31.97 -11.58
CA ASP B 117 -5.90 -32.87 -12.70
C ASP B 117 -4.77 -32.85 -13.72
N ARG B 118 -3.68 -32.16 -13.41
CA ARG B 118 -2.50 -32.02 -14.24
C ARG B 118 -2.78 -31.27 -15.55
N GLU B 119 -3.86 -30.49 -15.57
CA GLU B 119 -4.12 -29.59 -16.69
CA GLU B 119 -4.12 -29.60 -16.68
C GLU B 119 -3.36 -28.29 -16.50
N GLU B 120 -2.77 -27.80 -17.57
CA GLU B 120 -1.97 -26.57 -17.51
C GLU B 120 -2.91 -25.38 -17.33
N ILE B 121 -2.70 -24.59 -16.27
CA ILE B 121 -3.58 -23.47 -15.98
C ILE B 121 -2.86 -22.13 -15.97
N GLY B 122 -1.54 -22.09 -16.13
CA GLY B 122 -0.89 -20.80 -16.15
C GLY B 122 0.62 -20.90 -16.00
N ALA B 123 1.21 -19.80 -15.55
CA ALA B 123 2.66 -19.69 -15.51
C ALA B 123 3.01 -18.51 -14.62
N ASP B 124 4.29 -18.45 -14.21
CA ASP B 124 4.71 -17.27 -13.46
C ASP B 124 6.16 -16.95 -13.78
N THR B 125 6.57 -15.74 -13.37
CA THR B 125 7.96 -15.32 -13.35
C THR B 125 8.23 -14.70 -12.00
N GLY B 126 9.32 -15.10 -11.36
CA GLY B 126 9.66 -14.62 -10.03
C GLY B 126 11.04 -13.99 -10.00
N ARG B 127 11.17 -12.97 -9.16
CA ARG B 127 12.43 -12.28 -8.90
C ARG B 127 12.66 -12.36 -7.39
N LEU B 128 13.74 -13.01 -6.98
CA LEU B 128 14.00 -13.26 -5.56
C LEU B 128 15.34 -12.66 -5.14
N ARG B 129 15.37 -11.99 -4.00
CA ARG B 129 16.59 -11.39 -3.44
C ARG B 129 16.84 -11.95 -2.05
N ILE B 130 18.06 -12.43 -1.80
CA ILE B 130 18.46 -12.77 -0.44
C ILE B 130 18.83 -11.47 0.27
N ILE B 131 18.16 -11.16 1.38
CA ILE B 131 18.30 -9.86 2.01
C ILE B 131 18.98 -9.90 3.36
N ARG B 132 19.00 -11.04 4.04
CA ARG B 132 19.70 -11.07 5.32
C ARG B 132 19.96 -12.51 5.73
N LYS B 133 21.03 -12.68 6.49
CA LYS B 133 21.34 -13.93 7.18
C LYS B 133 21.25 -13.65 8.66
N ASP B 134 20.53 -14.48 9.39
CA ASP B 134 20.37 -14.19 10.81
C ASP B 134 21.61 -14.67 11.56
N PRO B 135 22.22 -13.81 12.39
CA PRO B 135 23.45 -14.24 13.09
C PRO B 135 23.25 -15.45 13.97
N GLU B 136 22.21 -15.45 14.80
CA GLU B 136 21.97 -16.56 15.73
C GLU B 136 21.76 -17.87 14.97
N THR B 137 20.78 -17.91 14.07
CA THR B 137 20.38 -19.15 13.41
C THR B 137 21.16 -19.43 12.13
N GLY B 138 21.79 -18.41 11.55
CA GLY B 138 22.40 -18.62 10.24
C GLY B 138 21.41 -18.80 9.12
N HIS B 139 20.12 -18.55 9.37
CA HIS B 139 19.11 -18.73 8.35
C HIS B 139 19.04 -17.51 7.46
N HIS B 140 18.66 -17.73 6.20
CA HIS B 140 18.58 -16.68 5.20
C HIS B 140 17.13 -16.31 4.93
N PHE B 141 16.90 -15.02 4.74
CA PHE B 141 15.59 -14.48 4.44
C PHE B 141 15.63 -13.82 3.08
N THR B 142 14.53 -13.92 2.35
CA THR B 142 14.45 -13.47 0.97
C THR B 142 13.22 -12.61 0.80
N VAL B 143 13.28 -11.69 -0.15
CA VAL B 143 12.09 -10.99 -0.64
C VAL B 143 11.86 -11.41 -2.08
N SER B 144 10.60 -11.48 -2.47
CA SER B 144 10.30 -11.97 -3.81
C SER B 144 9.17 -11.14 -4.41
N LEU B 145 9.20 -11.04 -5.74
CA LEU B 145 8.11 -10.45 -6.50
C LEU B 145 7.79 -11.43 -7.62
N VAL B 146 6.53 -11.81 -7.71
CA VAL B 146 6.09 -12.81 -8.67
C VAL B 146 4.98 -12.18 -9.49
N THR B 147 5.02 -12.41 -10.80
CA THR B 147 3.92 -12.08 -11.69
CA THR B 147 3.92 -12.08 -11.70
C THR B 147 3.42 -13.39 -12.30
N SER B 148 2.11 -13.59 -12.28
CA SER B 148 1.62 -14.88 -12.74
C SER B 148 0.24 -14.74 -13.38
N THR B 149 -0.12 -15.77 -14.11
CA THR B 149 -1.50 -15.98 -14.54
CA THR B 149 -1.49 -15.99 -14.57
C THR B 149 -1.91 -17.36 -14.08
N VAL B 150 -3.05 -17.44 -13.40
CA VAL B 150 -3.50 -18.71 -12.81
C VAL B 150 -4.96 -18.87 -13.19
N GLN B 151 -5.24 -19.85 -14.05
CA GLN B 151 -6.53 -20.07 -14.72
C GLN B 151 -7.25 -18.77 -15.04
N GLY B 152 -6.53 -17.89 -15.74
CA GLY B 152 -7.13 -16.67 -16.26
C GLY B 152 -7.10 -15.51 -15.31
N ASN B 153 -6.52 -15.68 -14.13
CA ASN B 153 -6.40 -14.63 -13.13
C ASN B 153 -4.98 -14.08 -13.16
N LYS B 154 -4.84 -12.78 -13.37
CA LYS B 154 -3.52 -12.14 -13.40
C LYS B 154 -3.18 -11.68 -12.00
N LEU B 155 -2.03 -12.13 -11.50
CA LEU B 155 -1.65 -11.96 -10.10
C LEU B 155 -0.30 -11.28 -9.97
N PHE B 156 -0.13 -10.53 -8.88
CA PHE B 156 1.16 -10.18 -8.36
C PHE B 156 1.28 -10.81 -6.98
N ALA B 157 2.48 -11.24 -6.62
CA ALA B 157 2.70 -11.75 -5.28
C ALA B 157 3.95 -11.11 -4.67
N PHE B 158 3.87 -10.84 -3.39
CA PHE B 158 4.90 -10.11 -2.66
C PHE B 158 5.29 -10.97 -1.47
N GLY B 159 6.54 -11.43 -1.42
CA GLY B 159 6.97 -12.40 -0.44
C GLY B 159 8.11 -11.90 0.41
N TYR B 160 8.05 -12.24 1.70
CA TYR B 160 9.17 -12.12 2.64
C TYR B 160 9.20 -13.44 3.42
N THR B 161 10.19 -14.28 3.15
CA THR B 161 10.14 -15.64 3.65
C THR B 161 11.51 -16.09 4.14
N GLU B 162 11.51 -17.17 4.92
CA GLU B 162 12.73 -17.82 5.38
C GLU B 162 13.11 -18.93 4.41
N GLU B 164 15.52 -21.48 4.65
CA GLU B 164 15.77 -22.83 5.15
C GLU B 164 14.46 -23.55 5.47
N ALA B 165 13.48 -22.81 6.00
CA ALA B 165 12.18 -23.42 6.28
C ALA B 165 11.52 -23.93 5.02
N GLN B 166 11.69 -23.22 3.89
CA GLN B 166 11.14 -23.70 2.63
C GLN B 166 11.90 -24.92 2.14
N LEU B 167 13.24 -24.86 2.17
CA LEU B 167 14.06 -25.99 1.75
C LEU B 167 13.81 -27.22 2.61
N ALA B 168 13.37 -27.01 3.86
CA ALA B 168 13.07 -28.12 4.76
C ALA B 168 11.69 -28.72 4.54
N GLY B 169 10.92 -28.21 3.58
CA GLY B 169 9.59 -28.71 3.34
C GLY B 169 8.49 -28.09 4.20
N GLY B 170 8.81 -27.03 4.94
CA GLY B 170 7.78 -26.32 5.65
C GLY B 170 6.94 -25.49 4.70
N ARG B 171 5.69 -25.25 5.08
CA ARG B 171 4.84 -24.42 4.24
C ARG B 171 5.37 -23.00 4.24
N THR B 172 5.44 -22.42 3.04
CA THR B 172 5.91 -21.06 2.83
C THR B 172 4.77 -20.25 2.26
N THR B 173 4.60 -19.02 2.74
CA THR B 173 3.42 -18.21 2.40
C THR B 173 3.86 -16.84 1.91
N ILE B 174 3.32 -16.40 0.76
CA ILE B 174 3.52 -15.03 0.29
C ILE B 174 2.15 -14.39 0.02
N GLN B 175 2.17 -13.08 -0.15
CA GLN B 175 0.95 -12.27 -0.25
C GLN B 175 0.62 -12.04 -1.72
N VAL B 176 -0.64 -12.29 -2.10
CA VAL B 176 -1.02 -12.22 -3.50
CA VAL B 176 -1.06 -12.26 -3.49
C VAL B 176 -2.20 -11.28 -3.68
N ALA B 177 -2.24 -10.63 -4.85
CA ALA B 177 -3.36 -9.82 -5.30
C ALA B 177 -3.66 -10.11 -6.75
N CYS B 178 -4.94 -10.08 -7.11
CA CYS B 178 -5.39 -10.31 -8.46
C CYS B 178 -5.92 -9.01 -9.04
N TRP B 179 -5.39 -8.62 -10.20
CA TRP B 179 -5.79 -7.37 -10.83
C TRP B 179 -6.58 -7.55 -12.11
N ASP B 180 -6.77 -8.79 -12.57
CA ASP B 180 -7.57 -9.03 -13.77
C ASP B 180 -8.03 -10.48 -13.76
N GLY B 181 -9.24 -10.72 -14.28
CA GLY B 181 -9.81 -12.04 -14.30
C GLY B 181 -10.93 -12.22 -13.29
N PRO B 182 -11.44 -13.45 -13.16
CA PRO B 182 -12.51 -13.73 -12.19
C PRO B 182 -12.22 -13.27 -10.77
N TRP B 183 -10.96 -13.34 -10.32
CA TRP B 183 -10.60 -12.93 -8.96
C TRP B 183 -10.23 -11.45 -8.86
N ALA B 184 -10.53 -10.64 -9.89
CA ALA B 184 -10.02 -9.27 -9.90
C ALA B 184 -10.48 -8.51 -8.66
N GLY B 185 -9.54 -7.77 -8.05
CA GLY B 185 -9.83 -7.05 -6.83
C GLY B 185 -9.80 -7.87 -5.56
N SER B 187 -7.49 -10.37 -2.76
CA SER B 187 -6.14 -10.57 -2.28
C SER B 187 -6.15 -11.63 -1.20
N GLY B 188 -4.98 -12.16 -0.91
CA GLY B 188 -4.89 -13.18 0.11
C GLY B 188 -3.50 -13.78 0.12
N THR B 189 -3.41 -15.10 0.13
CA THR B 189 -2.10 -15.74 0.20
C THR B 189 -1.93 -16.78 -0.89
N LEU B 190 -0.67 -16.96 -1.28
CA LEU B 190 -0.21 -18.14 -2.00
C LEU B 190 0.76 -18.84 -1.07
N SER B 191 0.48 -20.10 -0.74
CA SER B 191 1.37 -20.87 0.12
C SER B 191 1.69 -22.19 -0.57
N TRP B 192 2.82 -22.78 -0.21
CA TRP B 192 3.21 -24.01 -0.88
C TRP B 192 4.17 -24.80 -0.02
N VAL B 193 4.27 -26.08 -0.36
CA VAL B 193 5.30 -26.99 0.16
CA VAL B 193 5.31 -26.97 0.16
C VAL B 193 6.06 -27.55 -1.03
N ILE B 194 7.37 -27.62 -0.92
CA ILE B 194 8.14 -28.10 -2.07
C ILE B 194 8.20 -29.61 -2.03
N ASN B 195 8.20 -30.20 -3.23
CA ASN B 195 8.37 -31.65 -3.40
C ASN B 195 9.74 -32.02 -3.92
N SER B 196 10.47 -31.07 -4.46
CA SER B 196 11.82 -31.26 -5.00
C SER B 196 12.41 -29.87 -5.16
N THR B 198 12.63 -28.56 -7.94
CA THR B 198 12.00 -28.04 -9.14
C THR B 198 10.47 -28.15 -9.16
N ALA B 199 9.83 -28.60 -8.08
CA ALA B 199 8.38 -28.73 -8.09
C ALA B 199 7.83 -28.46 -6.70
N ALA B 200 6.63 -27.87 -6.66
CA ALA B 200 5.98 -27.54 -5.41
C ALA B 200 4.47 -27.78 -5.54
N GLU B 201 3.82 -27.98 -4.42
CA GLU B 201 2.36 -28.07 -4.35
C GLU B 201 1.83 -26.84 -3.62
N SER B 202 0.95 -26.08 -4.29
CA SER B 202 0.57 -24.75 -3.82
C SER B 202 -0.93 -24.65 -3.55
N ARG B 203 -1.29 -23.58 -2.84
CA ARG B 203 -2.67 -23.29 -2.43
C ARG B 203 -2.90 -21.79 -2.51
N TYR B 204 -3.96 -21.39 -3.19
CA TYR B 204 -4.35 -19.99 -3.35
C TYR B 204 -5.58 -19.73 -2.50
N GLU B 205 -5.52 -18.73 -1.63
CA GLU B 205 -6.68 -18.30 -0.85
C GLU B 205 -6.86 -16.81 -1.00
N LEU B 206 -7.98 -16.39 -1.61
CA LEU B 206 -8.21 -14.98 -1.86
C LEU B 206 -9.60 -14.59 -1.40
N ARG B 207 -9.73 -13.32 -1.03
CA ARG B 207 -11.01 -12.70 -0.72
C ARG B 207 -11.03 -11.27 -1.22
N ARG B 208 -12.23 -10.80 -1.61
CA ARG B 208 -12.35 -9.37 -1.86
C ARG B 208 -12.03 -8.61 -0.57
#